data_7MCK
#
_entry.id   7MCK
#
_cell.length_a   44.980
_cell.length_b   65.370
_cell.length_c   54.070
_cell.angle_alpha   90.000
_cell.angle_beta   102.320
_cell.angle_gamma   90.000
#
_symmetry.space_group_name_H-M   'P 1 21 1'
#
loop_
_entity.id
_entity.type
_entity.pdbx_description
1 polymer 'Serine/threonine-protein kinase Chk1'
2 non-polymer N-{5-[(3S)-3-(2-hydroxypropan-2-yl)pyrrolidin-1-yl]-2-(trifluoromethyl)pyridin-3-yl}-6-(1-methyl-1H-pyrazol-4-yl)pyridine-2-carboxamide
3 water water
#
_entity_poly.entity_id   1
_entity_poly.type   'polypeptide(L)'
_entity_poly.pdbx_seq_one_letter_code
;MAVPFVEDWDLVQTLGEGAYGEVQLAVNRVTEEAVAVKIVDMKRAVDCPENIKKEICILKMLNHENVIKFYGHRREGNIQ
YLFMELASGGSLFDRIEPDIGMPEPDAQRFFHQLMAGVVYLHGIGITHRDIKPHNLLLDERDNLKIADYSLATVFRYNNR
ERLLNKMCGTLPYVAPELLKRREFHAEPVDVWSCGIVLTAMLAGELPWDQPSDSCQEYSDWKEKKTYLNPWKKIDSAPLA
LLHKILVENPSARITIPDIKKDRWYNKPLKKGAKRPRVTSGGVSESPSGHHHHHHHH
;
_entity_poly.pdbx_strand_id   A
#
loop_
_chem_comp.id
_chem_comp.type
_chem_comp.name
_chem_comp.formula
YXD non-polymer N-{5-[(3S)-3-(2-hydroxypropan-2-yl)pyrrolidin-1-yl]-2-(trifluoromethyl)pyridin-3-yl}-6-(1-methyl-1H-pyrazol-4-yl)pyridine-2-carboxamide 'C23 H25 F3 N6 O2'
#
# COMPACT_ATOMS: atom_id res chain seq x y z
N PRO A 4 -18.23 24.44 -0.59
CA PRO A 4 -18.69 23.04 -0.62
C PRO A 4 -18.82 22.45 0.79
N PHE A 5 -19.90 21.68 1.02
CA PHE A 5 -20.19 21.10 2.33
C PHE A 5 -20.99 19.81 2.26
N VAL A 6 -20.96 19.02 3.36
CA VAL A 6 -21.73 17.79 3.55
C VAL A 6 -22.25 17.81 4.97
N GLU A 7 -23.57 17.93 5.13
CA GLU A 7 -24.24 18.01 6.43
C GLU A 7 -23.58 19.09 7.28
N ASP A 8 -22.90 18.72 8.38
CA ASP A 8 -22.22 19.63 9.30
C ASP A 8 -20.72 19.85 8.99
N TRP A 9 -20.22 19.24 7.90
CA TRP A 9 -18.82 19.31 7.49
C TRP A 9 -18.58 20.22 6.31
N ASP A 10 -17.53 21.05 6.39
CA ASP A 10 -17.09 21.90 5.27
C ASP A 10 -15.90 21.20 4.60
N LEU A 11 -15.89 21.14 3.25
CA LEU A 11 -14.83 20.53 2.45
C LEU A 11 -13.89 21.66 2.02
N VAL A 12 -12.84 21.85 2.82
CA VAL A 12 -11.89 22.94 2.78
C VAL A 12 -10.73 22.78 1.77
N GLN A 13 -10.10 21.59 1.71
CA GLN A 13 -8.89 21.38 0.89
C GLN A 13 -8.87 20.04 0.15
N THR A 14 -8.39 20.04 -1.11
CA THR A 14 -8.25 18.83 -1.90
C THR A 14 -6.95 18.14 -1.45
N LEU A 15 -7.08 16.94 -0.87
CA LEU A 15 -5.93 16.16 -0.40
C LEU A 15 -5.38 15.26 -1.49
N GLY A 16 -6.23 14.87 -2.44
CA GLY A 16 -5.87 14.01 -3.55
C GLY A 16 -7.00 13.77 -4.54
N GLU A 17 -6.64 13.30 -5.76
CA GLU A 17 -7.54 12.96 -6.87
C GLU A 17 -7.01 11.69 -7.55
N GLY A 18 -7.91 10.76 -7.89
CA GLY A 18 -7.52 9.49 -8.51
C GLY A 18 -8.57 8.80 -9.37
N ALA A 19 -8.40 7.47 -9.57
CA ALA A 19 -9.26 6.57 -10.37
C ALA A 19 -10.76 6.71 -10.09
N TYR A 20 -11.13 6.85 -8.81
CA TYR A 20 -12.53 7.03 -8.41
C TYR A 20 -12.68 8.20 -7.44
N GLY A 21 -13.03 9.37 -7.99
CA GLY A 21 -13.30 10.59 -7.24
C GLY A 21 -12.15 11.45 -6.77
N GLU A 22 -12.32 12.03 -5.56
CA GLU A 22 -11.42 12.98 -4.91
C GLU A 22 -11.47 12.81 -3.38
N VAL A 23 -10.33 13.06 -2.70
CA VAL A 23 -10.25 13.02 -1.23
C VAL A 23 -10.11 14.47 -0.75
N GLN A 24 -10.99 14.88 0.16
CA GLN A 24 -11.02 16.24 0.70
C GLN A 24 -10.87 16.28 2.21
N LEU A 25 -10.27 17.35 2.71
CA LEU A 25 -10.16 17.62 4.13
C LEU A 25 -11.53 18.17 4.55
N ALA A 26 -12.19 17.49 5.50
CA ALA A 26 -13.50 17.90 5.99
C ALA A 26 -13.37 18.35 7.44
N VAL A 27 -13.77 19.60 7.70
CA VAL A 27 -13.70 20.18 9.04
C VAL A 27 -15.14 20.39 9.52
N ASN A 28 -15.49 19.80 10.67
CA ASN A 28 -16.82 19.93 11.27
C ASN A 28 -16.98 21.40 11.76
N ARG A 29 -18.02 22.10 11.29
CA ARG A 29 -18.27 23.52 11.61
C ARG A 29 -18.41 23.80 13.11
N VAL A 30 -19.05 22.87 13.83
CA VAL A 30 -19.33 22.96 15.26
C VAL A 30 -18.13 22.56 16.13
N THR A 31 -17.64 21.30 15.98
CA THR A 31 -16.58 20.70 16.81
C THR A 31 -15.13 20.99 16.39
N GLU A 32 -14.92 21.40 15.12
CA GLU A 32 -13.59 21.65 14.54
C GLU A 32 -12.81 20.33 14.29
N GLU A 33 -13.47 19.17 14.46
CA GLU A 33 -12.84 17.88 14.19
C GLU A 33 -12.51 17.83 12.69
N ALA A 34 -11.28 17.42 12.35
CA ALA A 34 -10.82 17.34 10.96
C ALA A 34 -10.68 15.86 10.57
N VAL A 35 -11.36 15.45 9.50
CA VAL A 35 -11.35 14.09 8.97
C VAL A 35 -11.08 14.14 7.46
N ALA A 36 -10.91 12.96 6.82
CA ALA A 36 -10.76 12.89 5.37
C ALA A 36 -12.05 12.33 4.79
N VAL A 37 -12.52 12.94 3.70
CA VAL A 37 -13.74 12.52 3.03
C VAL A 37 -13.44 12.15 1.59
N LYS A 38 -13.75 10.91 1.22
CA LYS A 38 -13.63 10.44 -0.15
C LYS A 38 -14.98 10.72 -0.81
N ILE A 39 -14.96 11.48 -1.91
CA ILE A 39 -16.14 11.86 -2.68
C ILE A 39 -16.16 11.04 -3.96
N VAL A 40 -17.24 10.25 -4.16
CA VAL A 40 -17.41 9.38 -5.32
C VAL A 40 -18.73 9.70 -6.05
N ASP A 41 -18.63 9.95 -7.37
CA ASP A 41 -19.77 10.16 -8.25
C ASP A 41 -20.23 8.77 -8.73
N MET A 42 -21.52 8.44 -8.52
CA MET A 42 -22.22 7.19 -8.87
C MET A 42 -21.83 6.03 -7.96
N CYS A 48 -20.06 1.00 -10.51
CA CYS A 48 -19.68 1.82 -9.37
C CYS A 48 -20.57 1.60 -8.12
N PRO A 49 -21.95 1.58 -8.19
CA PRO A 49 -22.73 1.35 -6.95
C PRO A 49 -22.41 0.02 -6.26
N GLU A 50 -22.18 -1.05 -7.07
CA GLU A 50 -21.81 -2.38 -6.57
C GLU A 50 -20.36 -2.36 -6.04
N ASN A 51 -19.49 -1.54 -6.66
CA ASN A 51 -18.09 -1.35 -6.28
C ASN A 51 -17.97 -0.67 -4.92
N ILE A 52 -18.73 0.43 -4.68
CA ILE A 52 -18.71 1.15 -3.41
C ILE A 52 -19.37 0.31 -2.30
N LYS A 53 -20.39 -0.52 -2.66
CA LYS A 53 -21.07 -1.43 -1.73
C LYS A 53 -20.04 -2.38 -1.10
N LYS A 54 -19.20 -2.98 -1.95
CA LYS A 54 -18.09 -3.87 -1.59
C LYS A 54 -17.06 -3.09 -0.76
N GLU A 55 -16.67 -1.88 -1.21
CA GLU A 55 -15.69 -1.03 -0.55
C GLU A 55 -16.10 -0.66 0.86
N ILE A 56 -17.36 -0.23 1.06
CA ILE A 56 -17.91 0.13 2.37
C ILE A 56 -17.92 -1.11 3.27
N CYS A 57 -18.30 -2.28 2.71
CA CYS A 57 -18.32 -3.53 3.46
C CYS A 57 -16.91 -3.84 3.99
N ILE A 58 -15.88 -3.70 3.13
CA ILE A 58 -14.48 -3.92 3.53
C ILE A 58 -14.05 -2.87 4.56
N LEU A 59 -14.34 -1.57 4.29
CA LEU A 59 -14.00 -0.48 5.21
C LEU A 59 -14.55 -0.66 6.62
N LYS A 60 -15.80 -1.16 6.77
CA LYS A 60 -16.41 -1.41 8.08
C LYS A 60 -15.68 -2.50 8.89
N MET A 61 -14.95 -3.42 8.21
CA MET A 61 -14.21 -4.50 8.89
C MET A 61 -12.93 -4.01 9.59
N LEU A 62 -12.34 -2.95 9.07
CA LEU A 62 -11.00 -2.47 9.46
C LEU A 62 -10.87 -1.84 10.85
N ASN A 63 -10.09 -2.50 11.71
CA ASN A 63 -9.79 -2.03 13.06
C ASN A 63 -8.34 -2.39 13.44
N HIS A 64 -7.39 -1.53 13.04
CA HIS A 64 -5.97 -1.75 13.34
C HIS A 64 -5.23 -0.42 13.29
N GLU A 65 -4.23 -0.27 14.17
CA GLU A 65 -3.39 0.94 14.28
C GLU A 65 -2.65 1.32 12.98
N ASN A 66 -2.36 0.35 12.08
CA ASN A 66 -1.67 0.67 10.82
C ASN A 66 -2.59 0.62 9.60
N VAL A 67 -3.89 0.76 9.85
CA VAL A 67 -4.90 0.73 8.80
C VAL A 67 -5.83 1.93 9.05
N ILE A 68 -6.21 2.66 8.00
CA ILE A 68 -7.10 3.81 8.10
C ILE A 68 -8.47 3.41 8.68
N LYS A 69 -8.96 4.17 9.66
CA LYS A 69 -10.25 3.94 10.31
C LYS A 69 -11.39 4.54 9.47
N PHE A 70 -12.49 3.80 9.33
CA PHE A 70 -13.66 4.27 8.60
C PHE A 70 -14.70 4.73 9.64
N TYR A 71 -15.28 5.92 9.45
CA TYR A 71 -16.26 6.50 10.38
C TYR A 71 -17.71 6.32 9.96
N GLY A 72 -17.96 6.32 8.67
CA GLY A 72 -19.31 6.18 8.13
C GLY A 72 -19.42 6.79 6.76
N HIS A 73 -20.61 6.71 6.17
CA HIS A 73 -20.85 7.24 4.83
C HIS A 73 -22.19 7.93 4.70
N ARG A 74 -22.24 8.93 3.81
CA ARG A 74 -23.47 9.68 3.50
C ARG A 74 -23.67 9.70 2.00
N ARG A 75 -24.92 9.60 1.57
CA ARG A 75 -25.27 9.65 0.16
C ARG A 75 -26.19 10.83 -0.10
N GLU A 76 -25.79 11.69 -1.05
CA GLU A 76 -26.55 12.86 -1.46
C GLU A 76 -26.79 12.72 -2.95
N GLY A 77 -27.90 12.07 -3.28
CA GLY A 77 -28.28 11.77 -4.66
C GLY A 77 -27.40 10.68 -5.21
N ASN A 78 -26.58 11.02 -6.22
CA ASN A 78 -25.64 10.10 -6.85
C ASN A 78 -24.20 10.32 -6.29
N ILE A 79 -24.05 11.15 -5.25
CA ILE A 79 -22.73 11.42 -4.65
C ILE A 79 -22.60 10.70 -3.29
N GLN A 80 -21.56 9.82 -3.18
CA GLN A 80 -21.22 9.09 -1.95
C GLN A 80 -20.06 9.79 -1.25
N TYR A 81 -20.19 9.95 0.06
CA TYR A 81 -19.18 10.59 0.91
C TYR A 81 -18.71 9.55 1.91
N LEU A 82 -17.41 9.20 1.86
CA LEU A 82 -16.86 8.19 2.77
C LEU A 82 -15.96 8.87 3.78
N PHE A 83 -16.40 8.91 5.03
CA PHE A 83 -15.70 9.58 6.13
C PHE A 83 -14.65 8.64 6.73
N MET A 84 -13.41 9.09 6.73
CA MET A 84 -12.29 8.29 7.24
C MET A 84 -11.34 9.12 8.11
N GLU A 85 -10.57 8.42 8.94
CA GLU A 85 -9.52 8.95 9.80
C GLU A 85 -8.55 9.81 8.95
N LEU A 86 -8.24 11.04 9.41
CA LEU A 86 -7.30 11.91 8.71
C LEU A 86 -5.86 11.47 9.00
N ALA A 87 -5.00 11.52 7.99
CA ALA A 87 -3.59 11.20 8.14
C ALA A 87 -2.89 12.56 7.99
N SER A 88 -2.72 13.26 9.12
CA SER A 88 -2.17 14.62 9.16
C SER A 88 -0.71 14.74 8.68
N GLY A 89 0.06 13.65 8.76
CA GLY A 89 1.44 13.64 8.28
C GLY A 89 1.58 13.50 6.77
N GLY A 90 0.47 13.30 6.07
CA GLY A 90 0.44 13.15 4.62
C GLY A 90 0.87 11.77 4.15
N SER A 91 1.43 11.69 2.95
CA SER A 91 1.86 10.41 2.37
C SER A 91 3.33 10.06 2.54
N LEU A 92 3.61 8.74 2.52
CA LEU A 92 4.96 8.22 2.54
C LEU A 92 5.68 8.73 1.26
N PHE A 93 4.93 8.88 0.15
CA PHE A 93 5.49 9.35 -1.11
C PHE A 93 6.30 10.64 -0.91
N ASP A 94 5.75 11.58 -0.13
CA ASP A 94 6.37 12.89 0.11
C ASP A 94 7.53 12.85 1.14
N ARG A 95 7.84 11.66 1.70
CA ARG A 95 8.99 11.45 2.60
C ARG A 95 10.15 10.82 1.81
N ILE A 96 9.90 10.47 0.54
CA ILE A 96 10.95 9.86 -0.27
C ILE A 96 11.63 10.93 -1.12
N GLU A 97 12.94 11.13 -0.91
CA GLU A 97 13.72 12.09 -1.68
C GLU A 97 14.09 11.42 -3.03
N PRO A 98 13.66 11.98 -4.20
CA PRO A 98 14.02 11.34 -5.49
C PRO A 98 15.53 11.09 -5.65
N ASP A 99 15.91 9.86 -6.09
CA ASP A 99 17.28 9.36 -6.27
C ASP A 99 18.08 9.15 -4.96
N ILE A 100 17.49 9.43 -3.77
CA ILE A 100 18.16 9.29 -2.48
C ILE A 100 17.43 8.26 -1.59
N GLY A 101 16.14 8.47 -1.43
CA GLY A 101 15.29 7.65 -0.57
C GLY A 101 15.09 8.38 0.74
N MET A 102 15.46 7.74 1.84
CA MET A 102 15.33 8.29 3.19
C MET A 102 16.29 7.57 4.13
N PRO A 103 16.52 8.07 5.36
CA PRO A 103 17.43 7.35 6.27
C PRO A 103 16.92 5.92 6.50
N GLU A 104 17.83 4.96 6.45
CA GLU A 104 17.55 3.55 6.64
C GLU A 104 16.76 3.26 7.95
N PRO A 105 17.01 3.98 9.09
CA PRO A 105 16.20 3.70 10.29
C PRO A 105 14.72 4.06 10.08
N ASP A 106 14.43 5.19 9.39
CA ASP A 106 13.06 5.63 9.09
C ASP A 106 12.39 4.60 8.17
N ALA A 107 13.11 4.16 7.12
CA ALA A 107 12.60 3.15 6.19
C ALA A 107 12.27 1.84 6.94
N GLN A 108 13.16 1.42 7.88
CA GLN A 108 12.94 0.18 8.64
C GLN A 108 11.71 0.30 9.52
N ARG A 109 11.56 1.44 10.19
CA ARG A 109 10.39 1.67 11.07
C ARG A 109 9.09 1.59 10.24
N PHE A 110 9.01 2.32 9.13
CA PHE A 110 7.88 2.32 8.19
C PHE A 110 7.61 0.92 7.62
N PHE A 111 8.69 0.17 7.30
CA PHE A 111 8.54 -1.21 6.83
C PHE A 111 7.93 -2.14 7.91
N HIS A 112 8.35 -2.03 9.20
CA HIS A 112 7.76 -2.83 10.28
C HIS A 112 6.25 -2.54 10.40
N GLN A 113 5.89 -1.26 10.35
CA GLN A 113 4.51 -0.80 10.43
C GLN A 113 3.67 -1.29 9.23
N LEU A 114 4.28 -1.27 8.01
CA LEU A 114 3.63 -1.76 6.80
C LEU A 114 3.32 -3.24 6.97
N MET A 115 4.30 -4.02 7.48
CA MET A 115 4.16 -5.46 7.73
C MET A 115 3.03 -5.71 8.73
N ALA A 116 2.96 -4.89 9.80
CA ALA A 116 1.92 -5.01 10.84
C ALA A 116 0.51 -4.85 10.21
N GLY A 117 0.36 -3.82 9.36
CA GLY A 117 -0.88 -3.55 8.66
C GLY A 117 -1.27 -4.65 7.68
N VAL A 118 -0.29 -5.12 6.87
CA VAL A 118 -0.51 -6.21 5.90
C VAL A 118 -0.87 -7.54 6.61
N VAL A 119 -0.15 -7.90 7.70
CA VAL A 119 -0.45 -9.11 8.52
C VAL A 119 -1.90 -9.03 8.99
N TYR A 120 -2.31 -7.84 9.46
CA TYR A 120 -3.68 -7.65 9.91
C TYR A 120 -4.71 -7.93 8.78
N LEU A 121 -4.52 -7.26 7.61
CA LEU A 121 -5.42 -7.39 6.46
C LEU A 121 -5.50 -8.83 6.01
N HIS A 122 -4.33 -9.47 5.85
CA HIS A 122 -4.29 -10.87 5.43
C HIS A 122 -4.98 -11.80 6.45
N GLY A 123 -4.85 -11.49 7.74
CA GLY A 123 -5.45 -12.23 8.84
C GLY A 123 -6.98 -12.21 8.82
N ILE A 124 -7.59 -11.12 8.30
CA ILE A 124 -9.05 -10.98 8.16
C ILE A 124 -9.52 -11.35 6.72
N GLY A 125 -8.62 -11.94 5.92
CA GLY A 125 -8.91 -12.39 4.57
C GLY A 125 -9.05 -11.30 3.50
N ILE A 126 -8.44 -10.13 3.74
CA ILE A 126 -8.48 -8.99 2.82
C ILE A 126 -7.12 -8.78 2.17
N THR A 127 -7.11 -8.64 0.84
CA THR A 127 -5.92 -8.26 0.08
C THR A 127 -6.11 -6.80 -0.38
N HIS A 128 -5.09 -5.95 -0.20
CA HIS A 128 -5.17 -4.53 -0.59
C HIS A 128 -5.12 -4.36 -2.13
N ARG A 129 -4.13 -5.03 -2.78
CA ARG A 129 -3.92 -5.08 -4.24
C ARG A 129 -3.36 -3.81 -4.88
N ASP A 130 -3.08 -2.75 -4.08
CA ASP A 130 -2.48 -1.52 -4.64
C ASP A 130 -1.55 -0.83 -3.64
N ILE A 131 -0.69 -1.63 -3.00
CA ILE A 131 0.26 -1.10 -2.03
C ILE A 131 1.33 -0.28 -2.78
N LYS A 132 1.43 0.99 -2.41
CA LYS A 132 2.38 1.94 -3.01
C LYS A 132 2.50 3.17 -2.11
N PRO A 133 3.57 3.98 -2.23
CA PRO A 133 3.76 5.09 -1.28
C PRO A 133 2.63 6.13 -1.24
N HIS A 134 1.89 6.32 -2.35
CA HIS A 134 0.75 7.25 -2.36
C HIS A 134 -0.42 6.75 -1.51
N ASN A 135 -0.46 5.42 -1.23
CA ASN A 135 -1.52 4.79 -0.41
C ASN A 135 -1.09 4.51 1.02
N LEU A 136 0.17 4.83 1.35
CA LEU A 136 0.71 4.64 2.69
C LEU A 136 0.81 6.00 3.36
N LEU A 137 -0.11 6.27 4.28
CA LEU A 137 -0.19 7.59 4.91
C LEU A 137 0.37 7.62 6.31
N LEU A 138 0.66 8.83 6.82
CA LEU A 138 1.26 9.01 8.14
C LEU A 138 0.34 9.83 9.04
N ASP A 139 0.25 9.45 10.32
CA ASP A 139 -0.52 10.22 11.32
C ASP A 139 0.40 11.33 11.90
N GLU A 140 -0.06 11.99 12.99
CA GLU A 140 0.65 13.09 13.67
C GLU A 140 1.99 12.65 14.28
N ARG A 141 2.10 11.37 14.70
CA ARG A 141 3.31 10.80 15.31
C ARG A 141 4.15 9.99 14.28
N ASP A 142 3.93 10.24 12.98
CA ASP A 142 4.58 9.57 11.85
C ASP A 142 4.32 8.05 11.80
N ASN A 143 3.14 7.60 12.26
CA ASN A 143 2.78 6.18 12.19
C ASN A 143 2.15 5.91 10.83
N LEU A 144 2.59 4.83 10.18
CA LEU A 144 2.09 4.43 8.87
C LEU A 144 0.68 3.86 9.00
N LYS A 145 -0.17 4.25 8.05
CA LYS A 145 -1.55 3.82 7.90
C LYS A 145 -1.84 3.46 6.45
N ILE A 146 -2.26 2.21 6.24
CA ILE A 146 -2.59 1.69 4.91
C ILE A 146 -3.95 2.25 4.50
N ALA A 147 -3.96 3.01 3.41
CA ALA A 147 -5.16 3.67 2.91
C ALA A 147 -5.58 3.17 1.54
N ASP A 148 -6.81 3.57 1.11
CA ASP A 148 -7.43 3.30 -0.20
C ASP A 148 -7.82 1.81 -0.39
N TYR A 149 -9.11 1.49 -0.18
CA TYR A 149 -9.58 0.11 -0.31
C TYR A 149 -10.46 -0.10 -1.53
N SER A 150 -10.32 0.80 -2.55
CA SER A 150 -11.08 0.76 -3.80
C SER A 150 -10.75 -0.47 -4.64
N LEU A 151 -9.56 -1.08 -4.47
CA LEU A 151 -9.20 -2.30 -5.20
C LEU A 151 -9.14 -3.49 -4.27
N ALA A 152 -9.36 -3.28 -2.99
CA ALA A 152 -9.28 -4.35 -2.00
C ALA A 152 -10.33 -5.45 -2.23
N THR A 153 -9.98 -6.72 -1.96
CA THR A 153 -10.94 -7.80 -2.12
C THR A 153 -10.76 -8.91 -1.08
N VAL A 154 -11.81 -9.75 -0.94
CA VAL A 154 -11.80 -10.90 -0.05
C VAL A 154 -11.04 -12.03 -0.75
N PHE A 155 -9.98 -12.54 -0.14
CA PHE A 155 -9.26 -13.68 -0.74
C PHE A 155 -9.45 -14.94 0.11
N ARG A 156 -9.97 -14.78 1.33
CA ARG A 156 -10.23 -15.92 2.22
C ARG A 156 -11.56 -15.72 2.90
N TYR A 157 -12.44 -16.73 2.75
CA TYR A 157 -13.76 -16.64 3.36
C TYR A 157 -14.14 -18.02 3.88
N ASN A 158 -14.65 -18.07 5.13
CA ASN A 158 -14.98 -19.35 5.78
C ASN A 158 -13.76 -20.29 5.80
N ASN A 159 -12.54 -19.72 6.04
CA ASN A 159 -11.26 -20.44 6.07
C ASN A 159 -10.90 -21.12 4.74
N ARG A 160 -11.52 -20.65 3.66
CA ARG A 160 -11.31 -21.18 2.32
C ARG A 160 -10.66 -20.08 1.46
N GLU A 161 -9.45 -20.35 0.95
CA GLU A 161 -8.77 -19.38 0.10
C GLU A 161 -9.34 -19.40 -1.30
N ARG A 162 -9.50 -18.20 -1.87
CA ARG A 162 -9.95 -18.00 -3.25
C ARG A 162 -8.76 -17.41 -4.06
N LEU A 163 -8.38 -18.06 -5.16
CA LEU A 163 -7.31 -17.52 -6.02
C LEU A 163 -7.89 -16.31 -6.77
N LEU A 164 -7.04 -15.36 -7.09
CA LEU A 164 -7.48 -14.16 -7.81
C LEU A 164 -7.18 -14.26 -9.30
N ASN A 165 -7.90 -13.52 -10.15
CA ASN A 165 -7.60 -13.53 -11.58
C ASN A 165 -7.62 -12.12 -12.21
N LYS A 166 -8.16 -11.15 -11.48
CA LYS A 166 -8.31 -9.76 -11.92
C LYS A 166 -6.97 -9.03 -12.01
N MET A 167 -6.80 -8.25 -13.08
CA MET A 167 -5.63 -7.39 -13.27
C MET A 167 -5.96 -6.09 -12.60
N CYS A 168 -5.19 -5.75 -11.56
CA CYS A 168 -5.29 -4.48 -10.87
C CYS A 168 -4.00 -4.17 -10.12
N GLY A 169 -3.90 -2.93 -9.65
CA GLY A 169 -2.67 -2.46 -9.04
C GLY A 169 -2.01 -1.38 -9.90
N THR A 170 -0.71 -1.20 -9.74
CA THR A 170 0.11 -0.17 -10.42
C THR A 170 1.33 -0.89 -10.92
N LEU A 171 1.56 -0.89 -12.24
CA LEU A 171 2.60 -1.69 -12.91
C LEU A 171 3.99 -1.74 -12.24
N PRO A 172 4.61 -0.62 -11.82
CA PRO A 172 5.94 -0.74 -11.20
C PRO A 172 5.92 -1.53 -9.88
N TYR A 173 4.74 -1.61 -9.24
CA TYR A 173 4.47 -2.30 -7.96
C TYR A 173 3.90 -3.71 -8.08
N VAL A 174 3.38 -4.08 -9.29
CA VAL A 174 2.72 -5.38 -9.47
C VAL A 174 3.70 -6.54 -9.53
N ALA A 175 3.26 -7.68 -9.01
CA ALA A 175 4.03 -8.92 -8.99
C ALA A 175 4.00 -9.54 -10.40
N PRO A 176 5.10 -10.23 -10.82
CA PRO A 176 5.16 -10.79 -12.19
C PRO A 176 4.11 -11.85 -12.54
N GLU A 177 3.63 -12.61 -11.54
CA GLU A 177 2.61 -13.65 -11.74
C GLU A 177 1.27 -13.06 -12.23
N LEU A 178 0.94 -11.78 -11.88
CA LEU A 178 -0.28 -11.13 -12.42
C LEU A 178 -0.23 -11.08 -13.93
N LEU A 179 0.96 -10.82 -14.50
CA LEU A 179 1.16 -10.71 -15.94
C LEU A 179 1.35 -12.08 -16.63
N LYS A 180 1.67 -13.14 -15.87
CA LYS A 180 2.01 -14.44 -16.46
C LYS A 180 1.06 -15.59 -16.11
N ARG A 181 0.20 -15.41 -15.10
CA ARG A 181 -0.71 -16.48 -14.66
C ARG A 181 -2.17 -16.14 -14.77
N ARG A 182 -2.98 -17.15 -15.12
CA ARG A 182 -4.44 -17.05 -15.21
C ARG A 182 -5.03 -16.76 -13.83
N GLU A 183 -4.54 -17.47 -12.81
CA GLU A 183 -4.97 -17.37 -11.42
C GLU A 183 -3.77 -17.38 -10.52
N PHE A 184 -3.82 -16.63 -9.43
CA PHE A 184 -2.67 -16.54 -8.52
C PHE A 184 -3.10 -16.27 -7.09
N HIS A 185 -2.22 -16.61 -6.11
CA HIS A 185 -2.51 -16.40 -4.68
C HIS A 185 -2.40 -14.89 -4.33
N ALA A 186 -3.33 -14.38 -3.54
CA ALA A 186 -3.35 -12.96 -3.18
C ALA A 186 -2.15 -12.49 -2.32
N GLU A 187 -1.82 -13.23 -1.24
CA GLU A 187 -0.80 -12.79 -0.28
C GLU A 187 0.59 -12.53 -0.89
N PRO A 188 1.19 -13.40 -1.76
CA PRO A 188 2.51 -13.07 -2.34
C PRO A 188 2.52 -11.78 -3.20
N VAL A 189 1.36 -11.40 -3.78
CA VAL A 189 1.23 -10.17 -4.59
C VAL A 189 1.45 -8.92 -3.69
N ASP A 190 0.76 -8.87 -2.54
CA ASP A 190 0.93 -7.77 -1.57
C ASP A 190 2.37 -7.76 -0.99
N VAL A 191 2.95 -8.93 -0.71
CA VAL A 191 4.35 -9.03 -0.24
C VAL A 191 5.32 -8.39 -1.28
N TRP A 192 5.15 -8.73 -2.58
CA TRP A 192 5.96 -8.19 -3.67
C TRP A 192 5.89 -6.64 -3.68
N SER A 193 4.67 -6.05 -3.69
CA SER A 193 4.47 -4.61 -3.69
C SER A 193 5.19 -3.96 -2.47
N CYS A 194 5.16 -4.63 -1.30
CA CYS A 194 5.90 -4.16 -0.09
C CYS A 194 7.44 -4.09 -0.34
N GLY A 195 7.99 -5.04 -1.10
CA GLY A 195 9.39 -5.06 -1.52
C GLY A 195 9.75 -3.92 -2.46
N ILE A 196 8.79 -3.54 -3.36
CA ILE A 196 9.02 -2.37 -4.24
C ILE A 196 8.98 -1.08 -3.39
N VAL A 197 8.03 -1.00 -2.42
CA VAL A 197 7.96 0.15 -1.52
C VAL A 197 9.29 0.28 -0.74
N LEU A 198 9.83 -0.87 -0.24
CA LEU A 198 11.10 -0.85 0.48
C LEU A 198 12.24 -0.34 -0.44
N THR A 199 12.28 -0.79 -1.71
CA THR A 199 13.25 -0.31 -2.71
C THR A 199 13.15 1.22 -2.88
N ALA A 200 11.91 1.73 -3.02
CA ALA A 200 11.64 3.17 -3.19
C ALA A 200 12.13 3.95 -1.97
N MET A 201 11.87 3.43 -0.76
CA MET A 201 12.31 4.07 0.48
C MET A 201 13.83 4.14 0.60
N LEU A 202 14.55 3.09 0.17
CA LEU A 202 16.01 3.02 0.32
C LEU A 202 16.81 3.57 -0.85
N ALA A 203 16.20 3.72 -2.01
CA ALA A 203 16.93 4.22 -3.18
C ALA A 203 16.29 5.46 -3.88
N GLY A 204 15.06 5.82 -3.48
CA GLY A 204 14.32 6.95 -4.06
C GLY A 204 14.09 6.80 -5.56
N GLU A 205 13.99 5.55 -6.04
CA GLU A 205 13.88 5.20 -7.45
C GLU A 205 13.19 3.84 -7.60
N LEU A 206 12.32 3.71 -8.61
CA LEU A 206 11.66 2.44 -8.90
C LEU A 206 12.55 1.60 -9.83
N PRO A 207 12.66 0.27 -9.66
CA PRO A 207 13.60 -0.49 -10.51
C PRO A 207 13.17 -0.76 -11.96
N TRP A 208 11.84 -0.81 -12.26
CA TRP A 208 11.30 -1.11 -13.59
C TRP A 208 9.90 -0.56 -13.79
N ASP A 209 9.47 -0.37 -15.06
CA ASP A 209 8.11 0.09 -15.32
C ASP A 209 7.11 -1.06 -15.03
N GLN A 210 7.54 -2.33 -15.21
CA GLN A 210 6.76 -3.55 -14.97
C GLN A 210 7.68 -4.78 -14.94
N PRO A 211 7.41 -5.82 -14.11
CA PRO A 211 8.28 -7.01 -14.09
C PRO A 211 7.97 -8.03 -15.20
N SER A 212 8.07 -7.58 -16.47
CA SER A 212 7.80 -8.45 -17.63
C SER A 212 9.08 -8.97 -18.33
N ASP A 213 8.90 -9.94 -19.25
CA ASP A 213 9.97 -10.55 -20.05
C ASP A 213 10.71 -9.48 -20.89
N SER A 214 9.95 -8.56 -21.51
CA SER A 214 10.48 -7.47 -22.35
C SER A 214 11.28 -6.41 -21.59
N CYS A 215 11.11 -6.33 -20.25
CA CYS A 215 11.78 -5.35 -19.42
C CYS A 215 13.23 -5.72 -19.06
N GLN A 216 14.22 -5.02 -19.67
CA GLN A 216 15.66 -5.26 -19.45
C GLN A 216 16.10 -5.08 -17.99
N GLU A 217 15.57 -4.03 -17.30
CA GLU A 217 15.84 -3.76 -15.88
C GLU A 217 15.40 -4.96 -15.02
N TYR A 218 14.25 -5.58 -15.38
CA TYR A 218 13.79 -6.77 -14.68
C TYR A 218 14.70 -7.98 -14.95
N SER A 219 15.10 -8.18 -16.22
CA SER A 219 16.05 -9.27 -16.58
C SER A 219 17.38 -9.11 -15.83
N ASP A 220 17.88 -7.85 -15.71
CA ASP A 220 19.12 -7.46 -15.00
C ASP A 220 19.06 -7.90 -13.55
N TRP A 221 17.91 -7.67 -12.90
CA TRP A 221 17.66 -8.09 -11.51
C TRP A 221 17.67 -9.60 -11.40
N LYS A 222 16.97 -10.31 -12.31
CA LYS A 222 16.90 -11.79 -12.29
C LYS A 222 18.31 -12.41 -12.49
N GLU A 223 19.19 -11.71 -13.24
CA GLU A 223 20.58 -12.10 -13.53
C GLU A 223 21.55 -11.68 -12.41
N LYS A 224 21.02 -10.99 -11.36
CA LYS A 224 21.72 -10.49 -10.17
C LYS A 224 22.75 -9.39 -10.49
N LYS A 225 22.39 -8.49 -11.42
CA LYS A 225 23.23 -7.35 -11.81
C LYS A 225 23.00 -6.18 -10.82
N THR A 226 23.36 -6.40 -9.55
CA THR A 226 23.16 -5.42 -8.48
C THR A 226 24.21 -4.27 -8.48
N TYR A 227 25.13 -4.22 -9.48
CA TYR A 227 26.09 -3.13 -9.65
C TYR A 227 25.34 -1.96 -10.33
N LEU A 228 24.09 -2.22 -10.77
CA LEU A 228 23.22 -1.24 -11.40
C LEU A 228 22.30 -0.55 -10.37
N ASN A 229 21.77 0.61 -10.77
CA ASN A 229 20.78 1.35 -9.98
C ASN A 229 19.42 0.63 -10.16
N PRO A 230 18.53 0.65 -9.16
CA PRO A 230 18.65 1.31 -7.84
C PRO A 230 19.45 0.52 -6.78
N TRP A 231 19.79 -0.76 -7.07
CA TRP A 231 20.40 -1.71 -6.13
C TRP A 231 21.74 -1.28 -5.56
N LYS A 232 22.56 -0.62 -6.39
CA LYS A 232 23.88 -0.15 -5.96
C LYS A 232 23.81 0.91 -4.83
N LYS A 233 22.65 1.57 -4.64
CA LYS A 233 22.47 2.56 -3.56
C LYS A 233 22.04 1.90 -2.21
N ILE A 234 21.73 0.60 -2.24
CA ILE A 234 21.18 -0.11 -1.07
C ILE A 234 22.23 -0.95 -0.34
N ASP A 235 22.28 -0.82 0.99
CA ASP A 235 23.18 -1.60 1.84
C ASP A 235 22.94 -3.11 1.67
N SER A 236 24.03 -3.90 1.81
CA SER A 236 23.99 -5.36 1.67
C SER A 236 22.89 -6.05 2.53
N ALA A 237 22.65 -5.58 3.76
CA ALA A 237 21.64 -6.21 4.63
C ALA A 237 20.18 -6.03 4.10
N PRO A 238 19.65 -4.80 3.87
CA PRO A 238 18.29 -4.70 3.27
C PRO A 238 18.23 -5.31 1.86
N LEU A 239 19.37 -5.25 1.09
CA LEU A 239 19.46 -5.86 -0.23
C LEU A 239 19.24 -7.38 -0.18
N ALA A 240 19.78 -8.07 0.84
CA ALA A 240 19.58 -9.52 1.04
C ALA A 240 18.07 -9.80 1.24
N LEU A 241 17.36 -8.93 1.98
CA LEU A 241 15.91 -9.08 2.17
C LEU A 241 15.16 -8.90 0.82
N LEU A 242 15.52 -7.85 0.05
CA LEU A 242 14.94 -7.60 -1.26
C LEU A 242 15.15 -8.78 -2.21
N HIS A 243 16.29 -9.47 -2.11
CA HIS A 243 16.56 -10.67 -2.89
C HIS A 243 15.58 -11.81 -2.58
N LYS A 244 15.04 -11.87 -1.34
CA LYS A 244 14.05 -12.89 -0.91
C LYS A 244 12.60 -12.48 -1.24
N ILE A 245 12.32 -11.19 -1.25
CA ILE A 245 10.98 -10.68 -1.56
C ILE A 245 10.71 -10.64 -3.08
N LEU A 246 11.64 -10.07 -3.85
CA LEU A 246 11.49 -9.89 -5.32
C LEU A 246 11.95 -11.12 -6.13
N VAL A 247 11.36 -12.26 -5.79
CA VAL A 247 11.56 -13.61 -6.34
C VAL A 247 10.38 -13.83 -7.29
N GLU A 248 10.70 -14.06 -8.57
CA GLU A 248 9.74 -14.26 -9.66
C GLU A 248 8.66 -15.30 -9.35
N ASN A 249 9.06 -16.49 -8.89
CA ASN A 249 8.11 -17.56 -8.55
C ASN A 249 7.44 -17.21 -7.22
N PRO A 250 6.09 -16.97 -7.21
CA PRO A 250 5.42 -16.63 -5.94
C PRO A 250 5.47 -17.73 -4.89
N SER A 251 5.55 -19.01 -5.31
CA SER A 251 5.64 -20.09 -4.32
C SER A 251 7.02 -20.15 -3.63
N ALA A 252 8.07 -19.58 -4.25
CA ALA A 252 9.44 -19.52 -3.71
C ALA A 252 9.68 -18.21 -2.93
N ARG A 253 8.79 -17.22 -3.10
CA ARG A 253 8.90 -15.90 -2.46
C ARG A 253 8.77 -16.03 -0.95
N ILE A 254 9.54 -15.21 -0.21
CA ILE A 254 9.46 -15.14 1.25
C ILE A 254 8.06 -14.73 1.71
N THR A 255 7.59 -15.34 2.82
CA THR A 255 6.29 -15.04 3.42
C THR A 255 6.55 -14.03 4.54
N ILE A 256 5.49 -13.35 5.01
CA ILE A 256 5.63 -12.38 6.09
C ILE A 256 6.22 -13.04 7.38
N PRO A 257 5.81 -14.27 7.83
CA PRO A 257 6.46 -14.85 9.03
C PRO A 257 7.98 -14.94 8.89
N ASP A 258 8.49 -15.25 7.68
CA ASP A 258 9.93 -15.35 7.44
C ASP A 258 10.60 -13.98 7.28
N ILE A 259 9.87 -12.98 6.76
CA ILE A 259 10.40 -11.59 6.70
C ILE A 259 10.70 -11.14 8.15
N LYS A 260 9.82 -11.50 9.09
CA LYS A 260 9.98 -11.17 10.51
C LYS A 260 11.21 -11.81 11.17
N LYS A 261 11.83 -12.79 10.49
CA LYS A 261 13.04 -13.49 10.94
C LYS A 261 14.30 -12.96 10.23
N ASP A 262 14.12 -12.10 9.21
CA ASP A 262 15.24 -11.58 8.40
C ASP A 262 16.23 -10.75 9.23
N ARG A 263 17.51 -10.86 8.87
CA ARG A 263 18.60 -10.16 9.55
C ARG A 263 18.40 -8.64 9.55
N TRP A 264 18.19 -8.01 8.37
CA TRP A 264 17.95 -6.57 8.32
C TRP A 264 16.69 -6.15 9.08
N TYR A 265 15.59 -6.91 8.89
CA TYR A 265 14.33 -6.62 9.59
C TYR A 265 14.55 -6.47 11.11
N ASN A 266 15.46 -7.27 11.67
CA ASN A 266 15.74 -7.28 13.12
C ASN A 266 17.03 -6.51 13.52
N LYS A 267 17.65 -5.80 12.57
CA LYS A 267 18.89 -5.06 12.81
C LYS A 267 18.65 -3.71 13.52
N PRO A 268 19.24 -3.48 14.72
CA PRO A 268 19.06 -2.18 15.38
C PRO A 268 19.71 -1.06 14.55
N LEU A 269 18.95 0.03 14.34
CA LEU A 269 19.33 1.19 13.51
C LEU A 269 18.88 2.47 14.19
N LYS A 270 19.67 3.52 14.04
CA LYS A 270 19.40 4.87 14.57
C LYS A 270 20.17 5.90 13.76
N LYS A 271 19.51 7.04 13.43
CA LYS A 271 20.09 8.14 12.66
C LYS A 271 21.26 8.79 13.39
N1 YXD B . -2.51 13.34 0.86
N3 YXD B . -7.41 7.53 -1.10
C4 YXD B . -3.98 11.55 0.17
C5 YXD B . -2.13 14.31 1.70
C6 YXD B . -2.72 14.52 2.95
C7 YXD B . -1.45 16.68 3.34
C8 YXD B . -1.87 17.84 4.24
C10 YXD B . -3.12 18.06 6.53
C13 YXD B . -2.79 15.81 5.13
C15 YXD B . -7.18 9.55 4.89
C17 YXD B . -8.12 7.85 3.49
C20 YXD B . -6.94 8.26 -0.09
C21 YXD B . -6.96 7.53 -2.50
C22 YXD B . -8.58 6.97 0.57
F2 YXD B . -3.24 11.58 -0.93
F YXD B . -5.25 11.78 -0.21
F1 YXD B . -3.98 10.29 0.62
C3 YXD B . -3.51 12.54 1.22
N2 YXD B . -2.31 15.58 3.78
C9 YXD B . -2.99 17.32 5.17
C12 YXD B . -4.18 19.15 6.47
O1 YXD B . -3.56 17.12 7.52
C11 YXD B . -1.80 18.63 7.03
C14 YXD B . -3.75 13.65 3.34
C2 YXD B . -4.16 12.65 2.46
N YXD B . -5.21 11.73 2.71
C1 YXD B . -5.77 11.35 3.87
O YXD B . -5.56 11.88 4.95
C YXD B . -6.65 10.13 3.75
N5 YXD B . -6.80 9.60 2.52
C18 YXD B . -7.51 8.48 2.40
C16 YXD B . -7.94 8.40 4.75
C19 YXD B . -7.68 7.94 1.02
N4 YXD B . -8.43 6.72 -0.72
#